data_7AU0
#
_entry.id   7AU0
#
_cell.length_a   68.575
_cell.length_b   82.676
_cell.length_c   88.616
_cell.angle_alpha   90.000
_cell.angle_beta   90.000
_cell.angle_gamma   90.000
#
_symmetry.space_group_name_H-M   'P 21 21 21'
#
loop_
_entity.id
_entity.type
_entity.pdbx_description
1 polymer 'Peptidoglycan D,D-transpeptidase FtsI'
2 non-polymer 'methyl (R)-2-(1-hydroxy-1,3-dihydrobenzo[c][1,2]oxaborole-6-carboxamido)-2-phenylacetate'
3 water water
#
_entity_poly.entity_id   1
_entity_poly.type   'polypeptide(L)'
_entity_poly.pdbx_seq_one_letter_code
;GPGYQDPARSVRHIAIPAHRGLITDRNGEPLAVSTPVTTLWANPKELMTAKERWPQLAAALGQDTKLFADRIEQNAEREF
IYLVRGLTPEQGEGVIALKVPGVYSIEEFRRFYPAGEVVAHAVGFTDVDDRGREGIELAFDEWLAGVPGKRQVLKDRRGR
VIKDVQVTKNAKPGKTLALSIDLRLQYLAHRELRNALLENGAKAGSLVIMDVKTGEILAMTNQPTYNPNNRRNLQPAAMR
NRAMIDVFEPGSTVKPFSMSAALASGRWKPSDIVDVYPGTLQIGRYTIRDVSRNSRQLDLTGILIKSSNVGISKIAFDIG
AESIYSVMQQVGLGQDTGLGFPGERVGNLPNHRKWPKAETATLAYGYGLSVTAIQLAHAYAALANDGKSVPLSMTRVDRV
PDGVQVISPEVASTVQGMLQQVVEAQGGVFRAQVPGYHAAGKSGTARKVSVGTKGYRENAYRSLFAGFAPATDPRIAMVV
VIDEPSKAGYFGGLVSAPVFSKVMAGALRLMNVPPDNLPTATEQQQVNAAPAKGGRG
;
_entity_poly.pdbx_strand_id   A
#
loop_
_chem_comp.id
_chem_comp.type
_chem_comp.name
_chem_comp.formula
S0Z non-polymer 'methyl (R)-2-(1-hydroxy-1,3-dihydrobenzo[c][1,2]oxaborole-6-carboxamido)-2-phenylacetate' 'C17 H16 B N O5'
#
# COMPACT_ATOMS: atom_id res chain seq x y z
N VAL A 11 -18.57 -34.84 30.19
CA VAL A 11 -17.85 -34.75 28.88
C VAL A 11 -18.00 -33.33 28.32
N ARG A 12 -16.87 -32.70 28.00
CA ARG A 12 -16.81 -31.35 27.42
C ARG A 12 -15.98 -31.44 26.12
N HIS A 13 -15.57 -30.29 25.57
CA HIS A 13 -14.80 -30.18 24.31
C HIS A 13 -13.85 -28.99 24.39
N ILE A 14 -12.60 -29.18 23.99
CA ILE A 14 -11.57 -28.12 23.84
C ILE A 14 -11.17 -28.06 22.35
N ALA A 15 -10.93 -26.86 21.82
CA ALA A 15 -10.56 -26.62 20.40
C ALA A 15 -9.05 -26.83 20.20
N ILE A 16 -8.68 -27.51 19.12
CA ILE A 16 -7.28 -27.72 18.67
C ILE A 16 -6.94 -26.58 17.71
N PRO A 17 -6.16 -25.55 18.13
CA PRO A 17 -5.75 -24.47 17.24
C PRO A 17 -5.12 -24.98 15.92
N ALA A 18 -5.42 -24.31 14.80
CA ALA A 18 -4.90 -24.70 13.46
C ALA A 18 -3.60 -23.92 13.20
N HIS A 19 -2.63 -24.53 12.53
CA HIS A 19 -1.37 -23.89 12.11
C HIS A 19 -1.68 -22.89 10.99
N ARG A 20 -1.52 -21.60 11.26
CA ARG A 20 -1.75 -20.52 10.25
C ARG A 20 -0.80 -20.68 9.07
N GLY A 21 -1.34 -20.61 7.83
CA GLY A 21 -0.58 -20.65 6.57
C GLY A 21 0.55 -19.64 6.54
N LEU A 22 1.64 -20.08 5.93
CA LEU A 22 2.90 -19.36 5.67
C LEU A 22 2.65 -18.30 4.60
N ILE A 23 3.04 -17.06 4.86
CA ILE A 23 3.02 -15.97 3.85
C ILE A 23 4.45 -15.85 3.37
N THR A 24 4.65 -15.87 2.05
CA THR A 24 5.97 -15.57 1.45
C THR A 24 5.85 -14.38 0.50
N ASP A 25 7.00 -13.86 0.09
CA ASP A 25 7.09 -12.93 -1.05
C ASP A 25 6.97 -13.80 -2.30
N ARG A 26 7.07 -13.17 -3.46
CA ARG A 26 6.81 -13.81 -4.77
C ARG A 26 7.89 -14.90 -5.03
N ASN A 27 9.01 -14.85 -4.31
CA ASN A 27 10.17 -15.78 -4.47
C ASN A 27 10.16 -16.86 -3.38
N GLY A 28 9.21 -16.83 -2.46
CA GLY A 28 9.10 -17.85 -1.42
C GLY A 28 9.88 -17.43 -0.19
N GLU A 29 10.34 -16.17 -0.11
CA GLU A 29 11.03 -15.69 1.12
C GLU A 29 9.96 -15.56 2.18
N PRO A 30 10.12 -16.18 3.37
CA PRO A 30 9.09 -16.16 4.40
C PRO A 30 8.84 -14.75 4.99
N LEU A 31 7.56 -14.35 5.06
CA LEU A 31 7.16 -12.97 5.45
C LEU A 31 6.39 -13.05 6.76
N ALA A 32 5.71 -14.17 7.00
CA ALA A 32 4.94 -14.40 8.25
C ALA A 32 4.84 -15.90 8.50
N VAL A 33 5.23 -16.33 9.70
CA VAL A 33 5.46 -17.76 10.06
C VAL A 33 4.81 -18.03 11.41
N SER A 34 4.09 -19.13 11.50
CA SER A 34 3.43 -19.64 12.72
C SER A 34 4.49 -20.34 13.57
N THR A 35 4.89 -19.73 14.67
CA THR A 35 5.87 -20.29 15.65
C THR A 35 5.11 -21.04 16.74
N PRO A 36 5.50 -22.26 17.12
CA PRO A 36 5.06 -22.86 18.38
C PRO A 36 5.30 -21.98 19.62
N VAL A 37 4.23 -21.80 20.40
CA VAL A 37 4.32 -21.37 21.82
C VAL A 37 3.43 -22.26 22.71
N THR A 38 3.54 -22.10 24.04
CA THR A 38 2.68 -22.78 25.06
C THR A 38 2.01 -21.73 25.95
N THR A 39 0.68 -21.84 26.08
CA THR A 39 -0.24 -20.99 26.87
C THR A 39 -0.77 -21.80 28.06
N LEU A 40 -0.77 -21.23 29.27
CA LEU A 40 -1.04 -21.98 30.52
C LEU A 40 -2.36 -21.51 31.10
N TRP A 41 -3.29 -22.43 31.28
CA TRP A 41 -4.53 -22.13 32.03
C TRP A 41 -4.45 -22.84 33.38
N ALA A 42 -5.50 -22.75 34.18
CA ALA A 42 -5.57 -23.42 35.49
C ALA A 42 -7.04 -23.52 35.91
N ASN A 43 -7.40 -24.56 36.67
CA ASN A 43 -8.68 -24.56 37.44
C ASN A 43 -8.33 -24.12 38.85
N PRO A 44 -8.67 -22.87 39.22
CA PRO A 44 -8.50 -22.37 40.59
C PRO A 44 -8.80 -23.46 41.64
N LYS A 45 -10.00 -24.07 41.57
CA LYS A 45 -10.51 -25.11 42.52
C LYS A 45 -9.37 -26.07 42.89
N GLU A 46 -8.55 -26.48 41.93
CA GLU A 46 -7.46 -27.45 42.08
C GLU A 46 -6.15 -26.74 42.49
N LEU A 47 -5.99 -25.47 42.09
CA LEU A 47 -4.84 -24.61 42.45
C LEU A 47 -4.97 -24.18 43.90
N MET A 48 -6.20 -24.11 44.41
CA MET A 48 -6.52 -23.76 45.81
C MET A 48 -5.91 -24.79 46.76
N THR A 49 -5.56 -25.99 46.30
CA THR A 49 -5.03 -27.08 47.15
C THR A 49 -3.49 -27.01 47.24
N ALA A 50 -2.81 -26.11 46.51
CA ALA A 50 -1.33 -26.04 46.49
C ALA A 50 -0.79 -24.61 46.74
N LYS A 51 -1.44 -23.87 47.65
CA LYS A 51 -1.17 -22.43 47.92
C LYS A 51 0.31 -22.25 48.27
N GLU A 52 1.00 -23.27 48.76
CA GLU A 52 2.43 -23.11 49.14
C GLU A 52 3.30 -23.04 47.88
N ARG A 53 2.80 -23.46 46.72
CA ARG A 53 3.54 -23.42 45.43
C ARG A 53 3.40 -22.04 44.77
N TRP A 54 2.35 -21.30 45.09
CA TRP A 54 2.02 -20.03 44.41
C TRP A 54 3.25 -19.14 44.32
N PRO A 55 4.02 -18.82 45.38
CA PRO A 55 5.10 -17.86 45.19
C PRO A 55 6.05 -18.30 44.07
N GLN A 56 6.43 -19.59 44.03
CA GLN A 56 7.29 -20.13 42.95
C GLN A 56 6.61 -20.02 41.55
N LEU A 57 5.35 -20.41 41.42
CA LEU A 57 4.54 -20.27 40.18
C LEU A 57 4.54 -18.80 39.72
N ALA A 58 4.11 -17.88 40.58
CA ALA A 58 4.09 -16.43 40.29
C ALA A 58 5.46 -16.00 39.72
N ALA A 59 6.54 -16.17 40.49
CA ALA A 59 7.91 -15.79 40.07
C ALA A 59 8.18 -16.31 38.65
N ALA A 60 7.80 -17.55 38.36
CA ALA A 60 8.04 -18.20 37.04
C ALA A 60 7.03 -17.72 35.97
N LEU A 61 6.04 -16.89 36.33
CA LEU A 61 5.11 -16.24 35.36
C LEU A 61 5.43 -14.73 35.32
N GLY A 62 6.53 -14.30 35.93
CA GLY A 62 6.85 -12.86 36.01
C GLY A 62 5.92 -12.09 36.94
N GLN A 63 4.69 -12.58 37.14
CA GLN A 63 3.63 -11.91 37.94
C GLN A 63 4.04 -11.82 39.43
N ASP A 64 3.67 -10.71 40.09
CA ASP A 64 3.96 -10.39 41.52
C ASP A 64 3.17 -11.31 42.46
N THR A 65 3.76 -11.64 43.62
CA THR A 65 3.34 -12.76 44.50
C THR A 65 1.91 -12.51 45.01
N LYS A 66 1.67 -11.36 45.64
CA LYS A 66 0.35 -11.01 46.21
C LYS A 66 -0.67 -10.77 45.09
N LEU A 67 -0.28 -10.14 43.98
CA LEU A 67 -1.22 -9.93 42.84
C LEU A 67 -1.67 -11.29 42.29
N PHE A 68 -0.70 -12.17 42.04
CA PHE A 68 -0.95 -13.57 41.62
C PHE A 68 -1.97 -14.23 42.56
N ALA A 69 -1.73 -14.24 43.88
CA ALA A 69 -2.62 -14.91 44.86
C ALA A 69 -3.99 -14.23 44.93
N ASP A 70 -4.03 -12.89 44.83
CA ASP A 70 -5.28 -12.13 44.68
C ASP A 70 -6.05 -12.77 43.51
N ARG A 71 -5.40 -12.92 42.36
CA ARG A 71 -6.17 -13.37 41.16
C ARG A 71 -6.79 -14.73 41.48
N ILE A 72 -5.97 -15.70 41.89
CA ILE A 72 -6.44 -17.11 42.04
C ILE A 72 -7.58 -17.13 43.05
N GLU A 73 -7.41 -16.42 44.17
CA GLU A 73 -8.34 -16.43 45.33
C GLU A 73 -9.72 -15.98 44.85
N GLN A 74 -9.82 -14.78 44.25
CA GLN A 74 -11.15 -14.27 43.80
C GLN A 74 -11.75 -15.22 42.75
N ASN A 75 -10.94 -15.78 41.84
CA ASN A 75 -11.42 -16.69 40.76
C ASN A 75 -11.41 -18.14 41.27
N ALA A 76 -11.49 -18.33 42.59
CA ALA A 76 -11.52 -19.65 43.25
C ALA A 76 -12.74 -20.43 42.76
N GLU A 77 -13.89 -19.75 42.71
CA GLU A 77 -15.21 -20.36 42.33
C GLU A 77 -15.06 -20.96 40.93
N ARG A 78 -14.46 -20.22 39.99
CA ARG A 78 -14.21 -20.64 38.58
C ARG A 78 -13.37 -21.92 38.58
N GLU A 79 -13.50 -22.71 37.51
CA GLU A 79 -12.75 -23.98 37.30
C GLU A 79 -11.96 -23.88 35.99
N PHE A 80 -11.79 -22.64 35.50
CA PHE A 80 -10.99 -22.27 34.30
C PHE A 80 -10.64 -20.79 34.36
N ILE A 81 -9.37 -20.49 34.10
CA ILE A 81 -8.88 -19.17 33.64
C ILE A 81 -7.51 -19.41 33.00
N TYR A 82 -7.13 -18.56 32.05
CA TYR A 82 -5.75 -18.52 31.53
C TYR A 82 -4.87 -18.15 32.73
N LEU A 83 -3.57 -18.36 32.59
CA LEU A 83 -2.54 -17.79 33.50
C LEU A 83 -1.72 -16.79 32.70
N VAL A 84 -1.11 -17.29 31.62
CA VAL A 84 -0.25 -16.53 30.68
C VAL A 84 -0.36 -17.18 29.28
N ARG A 85 -0.47 -16.34 28.23
CA ARG A 85 -0.48 -16.79 26.82
C ARG A 85 0.89 -16.58 26.20
N GLY A 86 1.34 -17.55 25.42
CA GLY A 86 2.39 -17.37 24.41
C GLY A 86 3.77 -17.33 25.00
N LEU A 87 4.08 -18.26 25.91
CA LEU A 87 5.48 -18.51 26.35
C LEU A 87 6.13 -19.44 25.32
N THR A 88 7.44 -19.29 25.09
CA THR A 88 8.26 -20.26 24.34
C THR A 88 7.94 -21.64 24.88
N PRO A 89 7.98 -22.71 24.06
CA PRO A 89 7.72 -24.05 24.57
C PRO A 89 8.80 -24.44 25.59
N GLU A 90 10.00 -23.83 25.52
CA GLU A 90 11.19 -24.21 26.31
C GLU A 90 11.13 -23.56 27.70
N GLN A 91 10.90 -22.26 27.77
CA GLN A 91 10.69 -21.57 29.08
C GLN A 91 9.30 -21.95 29.61
N GLY A 92 8.41 -22.38 28.72
CA GLY A 92 7.03 -22.79 29.06
C GLY A 92 7.01 -24.08 29.85
N GLU A 93 7.91 -25.01 29.52
CA GLU A 93 8.09 -26.30 30.23
C GLU A 93 8.64 -26.02 31.64
N GLY A 94 9.47 -24.98 31.79
CA GLY A 94 9.97 -24.45 33.07
C GLY A 94 8.88 -24.25 34.10
N VAL A 95 7.66 -23.89 33.71
CA VAL A 95 6.50 -23.84 34.65
C VAL A 95 5.98 -25.26 34.90
N ILE A 96 5.89 -26.12 33.88
CA ILE A 96 5.42 -27.53 34.05
C ILE A 96 6.51 -28.31 34.80
N ALA A 97 7.75 -27.79 34.83
CA ALA A 97 8.91 -28.31 35.59
C ALA A 97 8.76 -28.02 37.09
N LEU A 98 8.00 -26.98 37.45
CA LEU A 98 7.59 -26.70 38.84
C LEU A 98 6.61 -27.78 39.29
N LYS A 99 5.94 -28.41 38.34
CA LYS A 99 4.88 -29.43 38.56
C LYS A 99 4.02 -28.96 39.74
N VAL A 100 2.95 -28.23 39.47
CA VAL A 100 2.01 -27.63 40.45
C VAL A 100 0.63 -28.15 40.09
N PRO A 101 -0.16 -28.65 41.07
CA PRO A 101 -1.55 -29.02 40.79
C PRO A 101 -2.39 -27.83 40.33
N GLY A 102 -3.39 -28.11 39.48
CA GLY A 102 -4.35 -27.13 38.92
C GLY A 102 -3.91 -26.50 37.60
N VAL A 103 -2.65 -26.75 37.18
CA VAL A 103 -1.98 -26.16 35.98
C VAL A 103 -2.05 -27.14 34.80
N TYR A 104 -2.72 -26.78 33.70
CA TYR A 104 -2.63 -27.48 32.39
C TYR A 104 -2.35 -26.48 31.25
N SER A 105 -1.70 -26.98 30.19
CA SER A 105 -1.05 -26.19 29.10
C SER A 105 -1.71 -26.51 27.76
N ILE A 106 -1.97 -25.46 26.96
CA ILE A 106 -2.36 -25.50 25.52
C ILE A 106 -1.10 -25.19 24.71
N GLU A 107 -0.87 -25.95 23.63
CA GLU A 107 0.24 -25.73 22.66
C GLU A 107 -0.30 -24.90 21.50
N GLU A 108 0.14 -23.64 21.40
CA GLU A 108 -0.43 -22.62 20.49
C GLU A 108 0.63 -22.25 19.44
N PHE A 109 0.25 -21.47 18.43
CA PHE A 109 1.20 -20.78 17.53
C PHE A 109 0.97 -19.27 17.63
N ARG A 110 2.02 -18.52 17.38
CA ARG A 110 1.89 -17.09 17.05
C ARG A 110 2.87 -16.76 15.92
N ARG A 111 2.70 -15.56 15.36
CA ARG A 111 3.36 -15.13 14.12
C ARG A 111 4.75 -14.55 14.42
N PHE A 112 5.74 -14.91 13.61
CA PHE A 112 6.98 -14.12 13.45
C PHE A 112 7.00 -13.55 12.02
N TYR A 113 7.53 -12.33 11.90
CA TYR A 113 7.64 -11.50 10.68
C TYR A 113 9.13 -11.27 10.40
N PRO A 114 9.80 -12.22 9.72
CA PRO A 114 11.25 -12.17 9.55
C PRO A 114 11.79 -10.86 8.94
N ALA A 115 11.01 -10.15 8.14
CA ALA A 115 11.45 -8.90 7.47
C ALA A 115 11.02 -7.67 8.29
N GLY A 116 10.25 -7.89 9.35
CA GLY A 116 9.95 -6.87 10.36
C GLY A 116 9.30 -5.65 9.76
N GLU A 117 9.92 -4.48 9.96
CA GLU A 117 9.33 -3.15 9.68
C GLU A 117 9.30 -2.91 8.17
N VAL A 118 10.23 -3.53 7.44
CA VAL A 118 10.45 -3.39 5.96
C VAL A 118 9.15 -3.60 5.19
N VAL A 119 8.31 -4.52 5.67
CA VAL A 119 7.08 -4.92 4.96
C VAL A 119 5.89 -4.94 5.93
N ALA A 120 5.93 -4.10 6.97
CA ALA A 120 4.96 -4.12 8.09
C ALA A 120 3.54 -3.95 7.56
N HIS A 121 3.32 -2.91 6.76
CA HIS A 121 1.95 -2.49 6.34
C HIS A 121 1.37 -3.53 5.37
N ALA A 122 2.15 -3.92 4.36
CA ALA A 122 1.71 -4.90 3.32
C ALA A 122 1.26 -6.20 4.00
N VAL A 123 2.08 -6.73 4.91
CA VAL A 123 1.83 -8.04 5.56
C VAL A 123 0.81 -7.89 6.70
N GLY A 124 0.93 -6.82 7.46
CA GLY A 124 0.08 -6.62 8.65
C GLY A 124 0.54 -7.52 9.80
N PHE A 125 -0.37 -7.84 10.71
CA PHE A 125 -0.10 -8.70 11.88
C PHE A 125 -1.40 -9.30 12.37
N THR A 126 -1.27 -10.26 13.28
CA THR A 126 -2.35 -11.03 13.93
C THR A 126 -2.65 -10.48 15.31
N ASP A 127 -3.86 -10.72 15.84
CA ASP A 127 -4.19 -10.39 17.24
C ASP A 127 -3.72 -11.54 18.15
N VAL A 128 -3.99 -11.39 19.45
CA VAL A 128 -3.74 -12.38 20.55
C VAL A 128 -4.39 -13.74 20.24
N ASP A 129 -5.50 -13.76 19.52
CA ASP A 129 -6.20 -15.02 19.14
C ASP A 129 -5.60 -15.64 17.86
N ASP A 130 -4.51 -15.05 17.33
CA ASP A 130 -3.85 -15.48 16.06
C ASP A 130 -4.69 -15.06 14.83
N ARG A 131 -5.57 -14.08 14.99
CA ARG A 131 -6.48 -13.58 13.92
C ARG A 131 -5.87 -12.35 13.25
N GLY A 132 -6.04 -12.26 11.91
CA GLY A 132 -5.66 -11.08 11.10
C GLY A 132 -6.27 -9.81 11.64
N ARG A 133 -5.45 -8.77 11.84
CA ARG A 133 -5.79 -7.42 12.37
C ARG A 133 -5.44 -6.27 11.39
N GLU A 134 -4.41 -6.46 10.56
CA GLU A 134 -3.97 -5.52 9.51
C GLU A 134 -3.49 -6.27 8.26
N GLY A 135 -3.36 -5.51 7.16
CA GLY A 135 -2.72 -5.90 5.90
C GLY A 135 -3.26 -7.20 5.40
N ILE A 136 -2.40 -8.00 4.81
CA ILE A 136 -2.78 -9.27 4.16
C ILE A 136 -3.34 -10.19 5.20
N GLU A 137 -2.76 -10.17 6.41
CA GLU A 137 -3.13 -11.07 7.53
C GLU A 137 -4.65 -10.99 7.72
N LEU A 138 -5.20 -9.77 7.74
CA LEU A 138 -6.65 -9.53 7.74
C LEU A 138 -7.24 -9.98 6.39
N ALA A 139 -6.86 -9.32 5.30
CA ALA A 139 -7.44 -9.54 3.96
C ALA A 139 -7.51 -11.02 3.61
N PHE A 140 -6.52 -11.84 3.92
CA PHE A 140 -6.61 -13.28 3.54
C PHE A 140 -6.76 -14.13 4.80
N ASP A 141 -7.40 -13.59 5.83
CA ASP A 141 -7.55 -14.28 7.14
C ASP A 141 -8.04 -15.72 6.89
N GLU A 142 -9.03 -15.88 6.02
CA GLU A 142 -9.74 -17.17 5.94
C GLU A 142 -8.82 -18.18 5.24
N TRP A 143 -8.14 -17.75 4.18
CA TRP A 143 -7.18 -18.64 3.47
C TRP A 143 -6.10 -19.13 4.45
N LEU A 144 -5.61 -18.22 5.31
CA LEU A 144 -4.41 -18.38 6.18
C LEU A 144 -4.77 -19.13 7.49
N ALA A 145 -5.98 -18.96 8.02
CA ALA A 145 -6.39 -19.49 9.34
C ALA A 145 -6.60 -21.02 9.28
N GLY A 146 -7.18 -21.57 8.23
CA GLY A 146 -7.61 -22.99 8.26
C GLY A 146 -8.71 -23.22 9.29
N VAL A 147 -8.80 -24.42 9.89
CA VAL A 147 -9.99 -24.83 10.69
C VAL A 147 -9.54 -25.47 11.99
N PRO A 148 -9.84 -24.88 13.17
CA PRO A 148 -9.57 -25.52 14.45
C PRO A 148 -10.09 -26.97 14.46
N GLY A 149 -9.35 -27.91 15.08
CA GLY A 149 -9.86 -29.25 15.42
C GLY A 149 -10.69 -29.25 16.71
N LYS A 150 -11.19 -30.42 17.14
CA LYS A 150 -12.09 -30.54 18.33
C LYS A 150 -11.74 -31.80 19.11
N ARG A 151 -11.62 -31.65 20.43
CA ARG A 151 -11.20 -32.73 21.38
C ARG A 151 -12.24 -32.79 22.49
N GLN A 152 -12.73 -34.01 22.77
CA GLN A 152 -13.65 -34.32 23.90
C GLN A 152 -12.79 -34.47 25.17
N VAL A 153 -12.96 -33.56 26.15
CA VAL A 153 -12.33 -33.59 27.50
C VAL A 153 -13.34 -34.24 28.48
N LEU A 154 -12.89 -35.17 29.35
CA LEU A 154 -13.77 -35.96 30.26
C LEU A 154 -14.06 -35.15 31.54
N LYS A 155 -13.02 -34.74 32.27
CA LYS A 155 -13.10 -33.95 33.53
C LYS A 155 -13.47 -34.88 34.69
N GLN A 166 -10.97 -38.85 23.27
CA GLN A 166 -10.72 -38.98 21.80
C GLN A 166 -10.59 -37.58 21.18
N VAL A 167 -10.25 -37.55 19.88
CA VAL A 167 -10.21 -36.33 19.01
C VAL A 167 -11.42 -36.40 18.07
N THR A 168 -12.47 -35.62 18.35
CA THR A 168 -13.68 -35.46 17.51
C THR A 168 -13.30 -35.08 16.06
N LYS A 169 -12.44 -34.06 15.91
CA LYS A 169 -12.09 -33.40 14.63
C LYS A 169 -10.59 -33.04 14.59
N ASN A 170 -9.90 -33.49 13.53
CA ASN A 170 -8.55 -33.00 13.15
C ASN A 170 -8.61 -31.50 12.81
N ALA A 171 -7.59 -30.74 13.24
CA ALA A 171 -7.32 -29.36 12.78
C ALA A 171 -6.79 -29.39 11.36
N LYS A 172 -7.44 -28.64 10.45
CA LYS A 172 -6.97 -28.36 9.07
C LYS A 172 -6.17 -27.05 9.06
N PRO A 173 -4.90 -27.07 8.59
CA PRO A 173 -4.05 -25.88 8.60
C PRO A 173 -4.36 -24.86 7.48
N GLY A 174 -4.23 -23.56 7.77
CA GLY A 174 -4.28 -22.48 6.76
C GLY A 174 -3.35 -22.75 5.60
N LYS A 175 -3.65 -22.21 4.42
CA LYS A 175 -2.85 -22.47 3.19
C LYS A 175 -1.79 -21.39 3.01
N THR A 176 -0.67 -21.75 2.39
CA THR A 176 0.45 -20.87 2.06
C THR A 176 -0.04 -19.81 1.09
N LEU A 177 0.41 -18.57 1.29
CA LEU A 177 0.06 -17.41 0.45
C LEU A 177 1.34 -16.74 -0.05
N ALA A 178 1.51 -16.67 -1.36
CA ALA A 178 2.69 -16.07 -2.02
C ALA A 178 2.26 -14.68 -2.50
N LEU A 179 2.80 -13.65 -1.88
CA LEU A 179 2.46 -12.24 -2.22
C LEU A 179 3.09 -11.90 -3.56
N SER A 180 2.59 -10.83 -4.15
CA SER A 180 3.17 -10.18 -5.34
C SER A 180 4.48 -9.47 -4.94
N ILE A 181 4.60 -9.02 -3.68
CA ILE A 181 5.79 -8.28 -3.21
C ILE A 181 7.05 -9.08 -3.57
N ASP A 182 8.04 -8.39 -4.13
CA ASP A 182 9.44 -8.87 -4.25
C ASP A 182 10.25 -8.25 -3.12
N LEU A 183 10.64 -9.04 -2.13
CA LEU A 183 11.28 -8.48 -0.91
C LEU A 183 12.54 -7.67 -1.26
N ARG A 184 13.30 -8.03 -2.30
CA ARG A 184 14.49 -7.23 -2.71
C ARG A 184 14.00 -5.81 -3.11
N LEU A 185 12.92 -5.69 -3.89
CA LEU A 185 12.43 -4.33 -4.28
C LEU A 185 11.82 -3.65 -3.07
N GLN A 186 11.14 -4.39 -2.20
CA GLN A 186 10.61 -3.83 -0.94
C GLN A 186 11.77 -3.21 -0.09
N TYR A 187 12.89 -3.92 0.09
CA TYR A 187 14.07 -3.46 0.90
C TYR A 187 14.60 -2.16 0.30
N LEU A 188 14.83 -2.22 -1.01
CA LEU A 188 15.22 -1.02 -1.79
C LEU A 188 14.23 0.12 -1.60
N ALA A 189 12.92 -0.13 -1.71
CA ALA A 189 11.91 0.95 -1.65
C ALA A 189 12.00 1.55 -0.26
N HIS A 190 11.99 0.67 0.72
CA HIS A 190 11.92 1.07 2.14
C HIS A 190 13.14 1.95 2.43
N ARG A 191 14.32 1.49 2.01
CA ARG A 191 15.57 2.20 2.33
C ARG A 191 15.52 3.60 1.73
N GLU A 192 15.22 3.66 0.42
CA GLU A 192 15.36 4.90 -0.36
C GLU A 192 14.33 5.93 0.11
N LEU A 193 13.11 5.51 0.45
CA LEU A 193 12.05 6.44 0.91
C LEU A 193 12.44 6.94 2.31
N ARG A 194 13.03 6.05 3.11
CA ARG A 194 13.53 6.42 4.45
C ARG A 194 14.59 7.52 4.26
N ASN A 195 15.69 7.23 3.54
CA ASN A 195 16.75 8.23 3.26
C ASN A 195 16.12 9.59 2.88
N ALA A 196 15.23 9.59 1.89
CA ALA A 196 14.63 10.80 1.27
C ALA A 196 13.89 11.63 2.32
N LEU A 197 13.16 10.96 3.21
CA LEU A 197 12.32 11.65 4.21
C LEU A 197 13.22 12.47 5.15
N LEU A 198 14.35 11.89 5.54
CA LEU A 198 15.31 12.53 6.47
C LEU A 198 16.12 13.57 5.68
N GLU A 199 16.52 13.25 4.45
CA GLU A 199 17.16 14.18 3.50
C GLU A 199 16.31 15.43 3.27
N ASN A 200 14.98 15.33 3.41
CA ASN A 200 13.98 16.41 3.09
C ASN A 200 13.21 16.79 4.37
N GLY A 201 13.68 16.35 5.53
CA GLY A 201 12.93 16.53 6.78
C GLY A 201 11.45 16.52 6.51
N ALA A 202 10.91 15.36 6.13
CA ALA A 202 9.46 15.15 5.89
C ALA A 202 8.88 14.18 6.94
N LYS A 203 7.59 14.30 7.22
CA LYS A 203 6.91 13.53 8.29
C LYS A 203 6.56 12.12 7.82
N ALA A 204 6.13 11.94 6.57
CA ALA A 204 5.55 10.68 6.09
C ALA A 204 5.73 10.56 4.57
N GLY A 205 5.37 9.41 4.02
CA GLY A 205 5.62 9.08 2.61
C GLY A 205 5.07 7.71 2.27
N SER A 206 4.92 7.44 0.98
CA SER A 206 4.47 6.16 0.39
C SER A 206 5.28 5.95 -0.88
N LEU A 207 5.58 4.71 -1.23
CA LEU A 207 6.14 4.40 -2.56
C LEU A 207 5.49 3.10 -3.02
N VAL A 208 4.84 3.12 -4.19
CA VAL A 208 4.21 1.90 -4.77
C VAL A 208 4.99 1.62 -6.05
N ILE A 209 5.29 0.35 -6.27
CA ILE A 209 5.92 -0.17 -7.51
C ILE A 209 4.99 -1.24 -8.04
N MET A 210 4.66 -1.16 -9.32
CA MET A 210 3.70 -2.10 -9.91
C MET A 210 4.29 -2.72 -11.15
N ASP A 211 3.94 -3.99 -11.39
CA ASP A 211 4.26 -4.66 -12.68
C ASP A 211 3.16 -4.27 -13.67
N VAL A 212 3.50 -3.52 -14.70
CA VAL A 212 2.47 -2.90 -15.57
C VAL A 212 1.70 -3.97 -16.38
N LYS A 213 2.32 -5.12 -16.64
CA LYS A 213 1.82 -6.24 -17.50
C LYS A 213 0.89 -7.18 -16.73
N THR A 214 1.10 -7.30 -15.42
CA THR A 214 0.49 -8.34 -14.54
C THR A 214 -0.36 -7.71 -13.45
N GLY A 215 -0.31 -6.39 -13.20
CA GLY A 215 -1.03 -5.69 -12.11
C GLY A 215 -0.50 -6.01 -10.72
N GLU A 216 0.60 -6.73 -10.61
CA GLU A 216 1.23 -7.11 -9.32
C GLU A 216 1.83 -5.88 -8.64
N ILE A 217 1.58 -5.74 -7.34
CA ILE A 217 2.30 -4.77 -6.47
C ILE A 217 3.62 -5.42 -6.05
N LEU A 218 4.71 -4.95 -6.63
CA LEU A 218 6.04 -5.51 -6.42
C LEU A 218 6.62 -4.96 -5.11
N ALA A 219 6.25 -3.74 -4.73
CA ALA A 219 6.65 -3.09 -3.46
C ALA A 219 5.57 -2.11 -3.02
N MET A 220 5.28 -2.11 -1.74
CA MET A 220 4.50 -1.04 -1.07
C MET A 220 5.13 -0.78 0.30
N THR A 221 5.71 0.41 0.48
CA THR A 221 6.35 0.89 1.73
C THR A 221 5.67 2.20 2.14
N ASN A 222 5.41 2.36 3.43
CA ASN A 222 5.03 3.64 4.07
C ASN A 222 6.05 3.99 5.17
N GLN A 223 6.30 5.28 5.39
CA GLN A 223 7.00 5.86 6.55
C GLN A 223 6.01 6.77 7.27
N PRO A 224 5.94 6.77 8.62
CA PRO A 224 6.71 5.83 9.43
C PRO A 224 6.19 4.39 9.39
N THR A 225 7.12 3.46 9.59
CA THR A 225 6.77 2.02 9.73
C THR A 225 6.95 1.65 11.21
N TYR A 226 6.85 0.37 11.50
CA TYR A 226 6.90 -0.18 12.87
C TYR A 226 7.41 -1.61 12.73
N ASN A 227 7.87 -2.19 13.84
CA ASN A 227 8.18 -3.63 13.95
C ASN A 227 6.89 -4.35 14.37
N PRO A 228 6.27 -5.16 13.50
CA PRO A 228 5.14 -5.99 13.90
C PRO A 228 5.49 -7.07 14.93
N ASN A 229 6.78 -7.37 15.15
CA ASN A 229 7.22 -8.34 16.18
C ASN A 229 7.23 -7.65 17.57
N ASN A 230 7.22 -6.33 17.62
CA ASN A 230 7.31 -5.57 18.88
C ASN A 230 6.37 -4.38 18.82
N ARG A 231 5.08 -4.60 19.06
CA ARG A 231 4.02 -3.55 18.92
C ARG A 231 3.78 -2.88 20.28
N ARG A 232 4.67 -3.11 21.27
CA ARG A 232 4.64 -2.41 22.57
C ARG A 232 4.85 -0.92 22.28
N ASN A 233 4.10 -0.04 22.95
CA ASN A 233 4.19 1.44 22.79
C ASN A 233 4.25 1.76 21.29
N LEU A 234 3.21 1.33 20.57
CA LEU A 234 3.03 1.54 19.11
C LEU A 234 2.20 2.80 18.89
N GLN A 235 2.71 3.75 18.10
CA GLN A 235 1.97 4.99 17.72
C GLN A 235 1.01 4.67 16.57
N PRO A 236 -0.27 5.08 16.65
CA PRO A 236 -1.24 4.86 15.57
C PRO A 236 -0.84 5.41 14.19
N ALA A 237 -0.01 6.46 14.15
CA ALA A 237 0.59 7.06 12.93
C ALA A 237 1.48 6.04 12.21
N ALA A 238 2.23 5.24 12.98
CA ALA A 238 3.19 4.25 12.46
C ALA A 238 2.41 3.17 11.69
N MET A 239 1.21 2.83 12.16
CA MET A 239 0.40 1.70 11.64
C MET A 239 -0.36 2.08 10.36
N ARG A 240 -0.47 3.37 10.04
CA ARG A 240 -1.29 3.88 8.91
C ARG A 240 -0.73 3.33 7.59
N ASN A 241 -1.49 2.50 6.87
CA ASN A 241 -1.11 2.03 5.50
C ASN A 241 -1.36 3.15 4.48
N ARG A 242 -0.43 4.09 4.33
CA ARG A 242 -0.67 5.42 3.70
C ARG A 242 -1.04 5.22 2.23
N ALA A 243 -0.26 4.39 1.55
CA ALA A 243 -0.42 4.03 0.12
C ALA A 243 -1.87 3.68 -0.19
N MET A 244 -2.62 3.09 0.74
CA MET A 244 -3.98 2.56 0.49
C MET A 244 -5.04 3.43 1.19
N ILE A 245 -4.65 4.36 2.04
CA ILE A 245 -5.63 5.01 2.96
C ILE A 245 -5.64 6.54 2.73
N ASP A 246 -4.48 7.18 2.62
CA ASP A 246 -4.38 8.64 2.46
C ASP A 246 -4.97 9.01 1.09
N VAL A 247 -5.88 9.97 1.06
CA VAL A 247 -6.41 10.47 -0.22
C VAL A 247 -6.01 11.92 -0.37
N PHE A 248 -5.80 12.29 -1.63
CA PHE A 248 -5.23 13.58 -2.05
C PHE A 248 -5.66 13.85 -3.49
N GLU A 249 -5.64 15.15 -3.81
CA GLU A 249 -5.88 15.72 -5.13
C GLU A 249 -4.60 15.52 -5.90
N PRO A 250 -4.63 14.76 -7.02
CA PRO A 250 -3.40 14.32 -7.66
C PRO A 250 -2.66 15.42 -8.43
N GLY A 251 -3.31 16.57 -8.58
CA GLY A 251 -2.77 17.68 -9.39
C GLY A 251 -2.22 17.19 -10.73
N SER A 252 -1.05 17.68 -11.12
CA SER A 252 -0.48 17.50 -12.48
C SER A 252 -0.28 16.03 -12.85
N THR A 253 -0.21 15.11 -11.89
CA THR A 253 0.04 13.67 -12.22
C THR A 253 -1.16 13.04 -12.94
N VAL A 254 -2.34 13.70 -13.00
CA VAL A 254 -3.43 13.17 -13.85
C VAL A 254 -3.57 13.95 -15.17
N LYS A 255 -2.73 14.95 -15.43
CA LYS A 255 -2.74 15.65 -16.75
C LYS A 255 -2.52 14.70 -17.92
N PRO A 256 -1.72 13.63 -17.81
CA PRO A 256 -1.59 12.68 -18.92
C PRO A 256 -2.89 11.99 -19.38
N PHE A 257 -3.82 11.83 -18.45
CA PHE A 257 -5.17 11.27 -18.68
C PHE A 257 -6.00 12.34 -19.38
N SER A 258 -5.88 13.61 -18.98
CA SER A 258 -6.59 14.72 -19.68
C SER A 258 -6.12 14.76 -21.14
N MET A 259 -4.80 14.60 -21.35
CA MET A 259 -4.17 14.59 -22.67
C MET A 259 -4.61 13.33 -23.44
N SER A 260 -4.74 12.18 -22.79
CA SER A 260 -5.20 10.92 -23.46
C SER A 260 -6.58 11.17 -24.07
N ALA A 261 -7.45 11.84 -23.32
CA ALA A 261 -8.79 12.20 -23.84
C ALA A 261 -8.61 13.13 -25.03
N ALA A 262 -7.72 14.14 -24.91
CA ALA A 262 -7.51 15.16 -25.98
C ALA A 262 -7.11 14.45 -27.25
N LEU A 263 -6.17 13.52 -27.15
CA LEU A 263 -5.66 12.80 -28.35
C LEU A 263 -6.68 11.77 -28.84
N ALA A 264 -7.64 11.31 -28.02
CA ALA A 264 -8.70 10.39 -28.49
C ALA A 264 -9.88 11.18 -29.03
N SER A 265 -9.94 12.50 -28.83
CA SER A 265 -11.12 13.28 -29.26
C SER A 265 -11.16 13.35 -30.80
N GLY A 266 -10.01 13.20 -31.46
CA GLY A 266 -9.85 13.48 -32.88
C GLY A 266 -9.52 14.93 -33.13
N ARG A 267 -9.54 15.78 -32.09
CA ARG A 267 -9.37 17.24 -32.27
C ARG A 267 -7.97 17.68 -31.85
N TRP A 268 -7.08 16.79 -31.39
CA TRP A 268 -5.75 17.24 -30.91
C TRP A 268 -4.67 16.26 -31.36
N LYS A 269 -3.50 16.82 -31.68
CA LYS A 269 -2.25 16.06 -31.94
C LYS A 269 -1.10 16.75 -31.21
N PRO A 270 0.03 16.04 -30.99
CA PRO A 270 1.08 16.55 -30.10
C PRO A 270 1.69 17.89 -30.51
N SER A 271 1.87 18.14 -31.81
CA SER A 271 2.47 19.41 -32.31
C SER A 271 1.47 20.58 -32.29
N ASP A 272 0.19 20.35 -32.02
CA ASP A 272 -0.76 21.47 -31.80
C ASP A 272 -0.20 22.41 -30.75
N ILE A 273 -0.54 23.67 -30.86
CA ILE A 273 -0.01 24.77 -30.00
C ILE A 273 -1.19 25.32 -29.18
N VAL A 274 -0.98 25.67 -27.91
CA VAL A 274 -1.92 26.46 -27.10
C VAL A 274 -1.16 27.69 -26.60
N ASP A 275 -1.82 28.84 -26.69
CA ASP A 275 -1.36 30.14 -26.14
C ASP A 275 -1.81 30.19 -24.68
N VAL A 276 -0.86 30.18 -23.76
CA VAL A 276 -1.17 30.19 -22.30
C VAL A 276 -0.83 31.56 -21.70
N TYR A 277 -0.50 32.55 -22.54
CA TYR A 277 -0.21 33.94 -22.11
C TYR A 277 -1.50 34.49 -21.52
N PRO A 278 -1.47 35.25 -20.41
CA PRO A 278 -0.26 35.55 -19.64
C PRO A 278 -0.01 34.68 -18.39
N GLY A 279 -0.38 33.40 -18.46
CA GLY A 279 -0.25 32.44 -17.35
C GLY A 279 -1.49 32.44 -16.46
N THR A 280 -2.54 33.12 -16.89
CA THR A 280 -3.83 33.18 -16.16
C THR A 280 -4.92 33.08 -17.20
N LEU A 281 -6.12 32.66 -16.80
CA LEU A 281 -7.30 32.53 -17.68
C LEU A 281 -8.53 32.81 -16.82
N GLN A 282 -9.17 33.94 -17.05
CA GLN A 282 -10.44 34.32 -16.38
C GLN A 282 -11.56 33.44 -16.95
N ILE A 283 -12.28 32.68 -16.13
CA ILE A 283 -13.54 32.02 -16.61
C ILE A 283 -14.70 32.49 -15.71
N GLY A 284 -15.37 33.56 -16.14
CA GLY A 284 -16.32 34.31 -15.29
C GLY A 284 -15.62 34.90 -14.08
N ARG A 285 -16.06 34.47 -12.88
CA ARG A 285 -15.58 34.99 -11.57
C ARG A 285 -14.27 34.31 -11.25
N TYR A 286 -14.09 33.10 -11.76
CA TYR A 286 -12.93 32.23 -11.47
C TYR A 286 -11.77 32.61 -12.39
N THR A 287 -10.54 32.56 -11.86
CA THR A 287 -9.24 32.80 -12.57
C THR A 287 -8.36 31.56 -12.42
N ILE A 288 -8.08 30.87 -13.51
CA ILE A 288 -7.10 29.74 -13.51
C ILE A 288 -5.71 30.35 -13.58
N ARG A 289 -4.81 29.94 -12.70
N ARG A 289 -4.78 29.90 -12.74
CA ARG A 289 -3.44 30.49 -12.62
CA ARG A 289 -3.44 30.55 -12.59
C ARG A 289 -2.44 29.35 -12.79
C ARG A 289 -2.36 29.47 -12.65
N ASP A 290 -1.41 29.61 -13.58
CA ASP A 290 -0.29 28.67 -13.79
C ASP A 290 0.77 28.98 -12.74
N VAL A 291 1.45 27.92 -12.35
CA VAL A 291 2.59 27.91 -11.39
C VAL A 291 3.78 28.68 -11.97
N SER A 292 4.05 28.58 -13.27
CA SER A 292 5.05 29.45 -13.92
C SER A 292 4.34 30.18 -15.07
N ARG A 293 4.60 31.48 -15.25
CA ARG A 293 3.83 32.35 -16.16
C ARG A 293 4.79 33.08 -17.11
N ASN A 294 5.69 32.33 -17.74
CA ASN A 294 6.77 32.84 -18.63
C ASN A 294 6.58 32.28 -20.04
N SER A 295 5.33 31.95 -20.46
CA SER A 295 5.00 31.28 -21.75
C SER A 295 3.86 31.98 -22.50
N ARG A 296 3.91 31.87 -23.82
CA ARG A 296 2.77 32.07 -24.73
C ARG A 296 2.45 30.71 -25.40
N GLN A 297 2.95 30.47 -26.60
CA GLN A 297 2.69 29.23 -27.37
C GLN A 297 3.46 28.10 -26.71
N LEU A 298 2.75 27.02 -26.41
CA LEU A 298 3.31 25.71 -25.98
C LEU A 298 2.65 24.61 -26.84
N ASP A 299 3.42 23.60 -27.20
CA ASP A 299 2.87 22.35 -27.79
C ASP A 299 2.39 21.47 -26.64
N LEU A 300 1.75 20.35 -26.95
CA LEU A 300 1.03 19.58 -25.93
C LEU A 300 2.04 19.03 -24.95
N THR A 301 3.25 18.71 -25.42
CA THR A 301 4.35 18.24 -24.57
C THR A 301 4.74 19.39 -23.63
N GLY A 302 4.85 20.60 -24.18
CA GLY A 302 5.18 21.81 -23.40
C GLY A 302 4.19 21.99 -22.29
N ILE A 303 2.91 21.70 -22.56
CA ILE A 303 1.82 21.93 -21.57
C ILE A 303 2.15 21.04 -20.38
N LEU A 304 2.55 19.80 -20.67
CA LEU A 304 2.97 18.86 -19.58
C LEU A 304 4.29 19.33 -18.98
N ILE A 305 5.30 19.68 -19.78
CA ILE A 305 6.61 20.03 -19.18
C ILE A 305 6.40 21.22 -18.25
N LYS A 306 5.60 22.21 -18.67
CA LYS A 306 5.35 23.44 -17.86
C LYS A 306 4.27 23.17 -16.79
N SER A 307 3.54 22.06 -16.89
CA SER A 307 2.35 21.82 -16.02
C SER A 307 1.45 23.07 -16.02
N SER A 308 1.19 23.64 -17.18
CA SER A 308 0.26 24.78 -17.42
C SER A 308 -1.20 24.32 -17.23
N ASN A 309 -1.81 24.84 -16.17
CA ASN A 309 -3.24 24.68 -15.86
C ASN A 309 -4.07 25.37 -16.93
N VAL A 310 -3.62 26.51 -17.42
CA VAL A 310 -4.31 27.25 -18.51
C VAL A 310 -4.27 26.36 -19.76
N GLY A 311 -3.10 25.82 -20.08
CA GLY A 311 -2.92 24.95 -21.27
C GLY A 311 -3.95 23.84 -21.26
N ILE A 312 -3.98 23.09 -20.16
CA ILE A 312 -4.78 21.85 -20.08
C ILE A 312 -6.26 22.20 -19.91
N SER A 313 -6.56 23.34 -19.29
CA SER A 313 -7.93 23.90 -19.18
C SER A 313 -8.53 24.20 -20.57
N LYS A 314 -7.77 24.90 -21.43
CA LYS A 314 -8.23 25.28 -22.79
C LYS A 314 -8.55 24.02 -23.60
N ILE A 315 -7.66 23.01 -23.59
CA ILE A 315 -7.91 21.71 -24.28
C ILE A 315 -9.20 21.07 -23.76
N ALA A 316 -9.36 20.99 -22.44
CA ALA A 316 -10.55 20.43 -21.74
C ALA A 316 -11.84 21.17 -22.17
N PHE A 317 -11.82 22.51 -22.23
CA PHE A 317 -12.96 23.30 -22.75
C PHE A 317 -13.31 22.84 -24.16
N ASP A 318 -12.32 22.45 -24.96
CA ASP A 318 -12.54 22.07 -26.37
C ASP A 318 -13.11 20.65 -26.44
N ILE A 319 -12.73 19.74 -25.55
CA ILE A 319 -13.05 18.30 -25.79
C ILE A 319 -14.26 17.93 -24.92
N GLY A 320 -14.52 18.70 -23.89
CA GLY A 320 -15.55 18.41 -22.88
C GLY A 320 -14.99 17.62 -21.70
N ALA A 321 -15.42 17.92 -20.49
CA ALA A 321 -15.07 17.19 -19.24
C ALA A 321 -15.45 15.72 -19.40
N GLU A 322 -16.62 15.41 -19.97
CA GLU A 322 -17.16 14.04 -20.06
C GLU A 322 -16.04 13.10 -20.50
N SER A 323 -15.33 13.42 -21.57
CA SER A 323 -14.24 12.62 -22.18
C SER A 323 -13.10 12.41 -21.17
N ILE A 324 -12.79 13.42 -20.35
CA ILE A 324 -11.68 13.34 -19.35
C ILE A 324 -12.17 12.44 -18.20
N TYR A 325 -13.32 12.78 -17.67
CA TYR A 325 -13.97 12.02 -16.59
C TYR A 325 -13.92 10.54 -16.96
N SER A 326 -14.23 10.21 -18.21
CA SER A 326 -14.39 8.80 -18.67
C SER A 326 -13.03 8.10 -18.64
N VAL A 327 -11.98 8.72 -19.17
CA VAL A 327 -10.62 8.10 -19.14
C VAL A 327 -10.23 7.87 -17.67
N MET A 328 -10.46 8.87 -16.84
CA MET A 328 -10.04 8.82 -15.41
C MET A 328 -10.77 7.69 -14.68
N GLN A 329 -12.07 7.52 -14.93
N GLN A 329 -12.08 7.55 -14.92
CA GLN A 329 -12.85 6.42 -14.34
CA GLN A 329 -12.92 6.43 -14.41
C GLN A 329 -12.32 5.07 -14.86
C GLN A 329 -12.31 5.10 -14.86
N GLN A 330 -12.00 4.99 -16.15
CA GLN A 330 -11.57 3.70 -16.76
C GLN A 330 -10.20 3.27 -16.25
N VAL A 331 -9.34 4.19 -15.79
CA VAL A 331 -7.99 3.80 -15.29
C VAL A 331 -8.03 3.60 -13.77
N GLY A 332 -9.23 3.68 -13.16
CA GLY A 332 -9.50 3.27 -11.78
C GLY A 332 -9.48 4.43 -10.79
N LEU A 333 -9.34 5.68 -11.24
CA LEU A 333 -9.19 6.85 -10.30
C LEU A 333 -10.50 7.04 -9.53
N GLY A 334 -10.45 7.19 -8.20
CA GLY A 334 -11.66 7.25 -7.36
C GLY A 334 -12.53 5.99 -7.42
N GLN A 335 -11.97 4.86 -7.88
CA GLN A 335 -12.70 3.55 -7.97
C GLN A 335 -12.15 2.61 -6.89
N ASP A 336 -12.95 1.62 -6.52
CA ASP A 336 -12.61 0.52 -5.58
C ASP A 336 -11.52 -0.31 -6.25
N THR A 337 -10.45 -0.67 -5.53
CA THR A 337 -9.27 -1.33 -6.13
C THR A 337 -9.52 -2.84 -6.22
N GLY A 338 -10.51 -3.32 -5.47
CA GLY A 338 -10.85 -4.75 -5.39
C GLY A 338 -9.84 -5.54 -4.59
N LEU A 339 -9.00 -4.88 -3.79
CA LEU A 339 -7.91 -5.55 -3.04
C LEU A 339 -8.42 -6.04 -1.66
N GLY A 340 -9.61 -5.58 -1.24
CA GLY A 340 -10.26 -6.05 0.01
C GLY A 340 -9.36 -5.88 1.24
N PHE A 341 -8.70 -4.74 1.38
CA PHE A 341 -7.81 -4.44 2.51
C PHE A 341 -8.60 -3.59 3.46
N PRO A 342 -8.25 -3.63 4.77
CA PRO A 342 -9.20 -3.33 5.84
C PRO A 342 -9.74 -1.89 5.75
N GLY A 343 -8.83 -0.91 5.73
CA GLY A 343 -9.18 0.52 5.80
C GLY A 343 -9.19 1.21 4.44
N GLU A 344 -9.05 0.46 3.34
CA GLU A 344 -8.85 1.03 1.97
C GLU A 344 -9.84 2.17 1.71
N ARG A 345 -9.31 3.34 1.39
CA ARG A 345 -10.12 4.51 0.93
C ARG A 345 -10.21 4.44 -0.58
N VAL A 346 -11.32 4.96 -1.10
CA VAL A 346 -11.72 4.85 -2.53
C VAL A 346 -11.44 6.20 -3.20
N GLY A 347 -11.40 7.27 -2.42
CA GLY A 347 -11.28 8.65 -2.93
C GLY A 347 -12.58 9.04 -3.59
N ASN A 348 -12.55 10.00 -4.51
CA ASN A 348 -13.81 10.50 -5.10
C ASN A 348 -13.47 11.06 -6.48
N LEU A 349 -14.03 10.45 -7.51
CA LEU A 349 -14.06 10.98 -8.89
C LEU A 349 -15.44 11.57 -9.12
N PRO A 350 -15.64 12.87 -8.90
CA PRO A 350 -16.99 13.41 -8.90
C PRO A 350 -17.62 13.54 -10.30
N ASN A 351 -18.92 13.33 -10.41
CA ASN A 351 -19.64 13.42 -11.71
C ASN A 351 -20.66 14.56 -11.69
N HIS A 352 -20.94 15.06 -12.90
CA HIS A 352 -21.96 16.09 -13.18
C HIS A 352 -22.78 15.68 -14.41
N ARG A 353 -23.97 16.25 -14.54
CA ARG A 353 -24.71 16.21 -15.83
C ARG A 353 -24.07 17.27 -16.70
N LYS A 354 -24.12 18.51 -16.21
CA LYS A 354 -23.53 19.71 -16.86
C LYS A 354 -22.23 20.04 -16.14
N TRP A 355 -21.12 19.98 -16.85
CA TRP A 355 -19.79 20.38 -16.37
C TRP A 355 -19.58 21.84 -16.72
N PRO A 356 -19.72 22.77 -15.79
CA PRO A 356 -19.29 24.14 -16.04
C PRO A 356 -17.77 24.18 -16.26
N LYS A 357 -17.30 25.37 -16.63
CA LYS A 357 -15.90 25.66 -17.00
C LYS A 357 -15.01 25.43 -15.79
N ALA A 358 -15.42 25.88 -14.61
CA ALA A 358 -14.57 25.74 -13.41
C ALA A 358 -14.30 24.26 -13.12
N GLU A 359 -15.34 23.44 -13.10
CA GLU A 359 -15.22 22.04 -12.64
C GLU A 359 -14.47 21.24 -13.71
N THR A 360 -14.67 21.59 -14.98
CA THR A 360 -14.04 20.96 -16.15
C THR A 360 -12.52 21.15 -16.03
N ALA A 361 -12.11 22.38 -15.73
CA ALA A 361 -10.70 22.85 -15.66
C ALA A 361 -10.04 22.15 -14.49
N THR A 362 -10.64 22.24 -13.32
CA THR A 362 -10.07 21.67 -12.08
C THR A 362 -10.03 20.15 -12.22
N LEU A 363 -11.00 19.49 -12.88
CA LEU A 363 -10.84 18.03 -13.15
C LEU A 363 -9.59 17.82 -14.01
N ALA A 364 -9.42 18.62 -15.05
CA ALA A 364 -8.38 18.42 -16.09
C ALA A 364 -6.98 18.63 -15.50
N TYR A 365 -6.81 19.58 -14.58
CA TYR A 365 -5.49 19.77 -13.92
C TYR A 365 -5.48 19.10 -12.54
N GLY A 366 -6.47 18.25 -12.27
CA GLY A 366 -6.34 17.25 -11.19
C GLY A 366 -6.55 17.78 -9.79
N TYR A 367 -7.30 18.88 -9.60
CA TYR A 367 -7.86 19.31 -8.27
C TYR A 367 -9.34 18.86 -8.17
N GLY A 368 -9.93 18.36 -9.24
CA GLY A 368 -11.36 18.00 -9.23
C GLY A 368 -11.63 16.56 -8.79
N LEU A 369 -10.68 15.94 -8.10
CA LEU A 369 -10.86 14.55 -7.60
C LEU A 369 -9.83 14.26 -6.50
N SER A 370 -9.98 13.14 -5.81
CA SER A 370 -9.03 12.71 -4.76
C SER A 370 -8.76 11.23 -4.93
N VAL A 371 -7.51 10.82 -4.77
CA VAL A 371 -7.11 9.41 -5.03
C VAL A 371 -6.07 8.99 -4.01
N THR A 372 -5.81 7.69 -4.00
CA THR A 372 -4.76 7.04 -3.21
C THR A 372 -3.58 6.80 -4.14
N ALA A 373 -2.39 6.72 -3.57
CA ALA A 373 -1.15 6.39 -4.30
C ALA A 373 -1.33 5.08 -5.07
N ILE A 374 -1.94 4.07 -4.49
CA ILE A 374 -2.17 2.77 -5.19
C ILE A 374 -3.05 3.05 -6.42
N GLN A 375 -4.12 3.86 -6.33
CA GLN A 375 -4.98 4.14 -7.51
C GLN A 375 -4.14 4.82 -8.61
N LEU A 376 -3.33 5.82 -8.23
CA LEU A 376 -2.52 6.57 -9.21
C LEU A 376 -1.56 5.58 -9.92
N ALA A 377 -0.88 4.76 -9.15
CA ALA A 377 0.10 3.80 -9.68
C ALA A 377 -0.64 2.88 -10.67
N HIS A 378 -1.88 2.50 -10.35
CA HIS A 378 -2.68 1.53 -11.15
C HIS A 378 -2.99 2.19 -12.50
N ALA A 379 -3.43 3.45 -12.44
CA ALA A 379 -3.68 4.29 -13.62
C ALA A 379 -2.40 4.39 -14.44
N TYR A 380 -1.27 4.71 -13.80
CA TYR A 380 0.02 4.78 -14.53
C TYR A 380 0.34 3.40 -15.15
N ALA A 381 -0.01 2.31 -14.46
CA ALA A 381 0.24 0.96 -14.98
C ALA A 381 -0.49 0.78 -16.32
N ALA A 382 -1.76 1.17 -16.39
CA ALA A 382 -2.65 1.04 -17.57
C ALA A 382 -2.00 1.72 -18.77
N LEU A 383 -1.60 2.97 -18.56
CA LEU A 383 -0.93 3.84 -19.56
C LEU A 383 0.39 3.21 -20.01
N ALA A 384 1.21 2.77 -19.05
CA ALA A 384 2.51 2.12 -19.33
C ALA A 384 2.29 0.81 -20.09
N ASN A 385 1.19 0.11 -19.83
CA ASN A 385 0.89 -1.22 -20.45
C ASN A 385 0.15 -0.97 -21.76
N ASP A 386 0.65 0.00 -22.54
CA ASP A 386 0.04 0.48 -23.82
C ASP A 386 -1.48 0.60 -23.68
N GLY A 387 -1.98 1.08 -22.55
CA GLY A 387 -3.40 1.46 -22.42
C GLY A 387 -4.28 0.32 -21.95
N LYS A 388 -3.69 -0.84 -21.64
CA LYS A 388 -4.48 -1.97 -21.11
C LYS A 388 -4.38 -1.98 -19.57
N SER A 389 -5.51 -1.75 -18.93
CA SER A 389 -5.71 -1.99 -17.48
C SER A 389 -5.73 -3.51 -17.17
N VAL A 390 -5.05 -3.86 -16.08
CA VAL A 390 -4.96 -5.19 -15.46
C VAL A 390 -5.33 -4.97 -14.03
N PRO A 391 -6.19 -5.83 -13.44
CA PRO A 391 -6.62 -5.65 -12.07
C PRO A 391 -5.42 -5.75 -11.13
N LEU A 392 -5.39 -4.91 -10.10
CA LEU A 392 -4.36 -4.91 -9.05
C LEU A 392 -4.36 -6.29 -8.41
N SER A 393 -3.20 -6.75 -8.01
CA SER A 393 -3.03 -7.96 -7.16
C SER A 393 -1.92 -7.72 -6.15
N MET A 394 -2.16 -8.13 -4.90
CA MET A 394 -1.15 -8.29 -3.83
C MET A 394 -0.68 -9.75 -3.72
N THR A 395 -1.20 -10.64 -4.55
CA THR A 395 -0.78 -12.07 -4.62
C THR A 395 -0.03 -12.30 -5.92
N ARG A 396 0.95 -13.22 -5.89
CA ARG A 396 1.72 -13.64 -7.07
C ARG A 396 0.75 -13.99 -8.17
N VAL A 397 0.88 -13.34 -9.34
CA VAL A 397 0.08 -13.58 -10.57
C VAL A 397 0.88 -14.56 -11.44
N ASP A 398 0.33 -15.75 -11.67
CA ASP A 398 0.91 -16.81 -12.51
C ASP A 398 0.26 -16.76 -13.90
N ARG A 399 -1.05 -16.52 -13.97
CA ARG A 399 -1.85 -16.48 -15.20
C ARG A 399 -2.41 -15.07 -15.29
N VAL A 400 -1.87 -14.25 -16.19
CA VAL A 400 -2.19 -12.81 -16.24
C VAL A 400 -3.62 -12.70 -16.73
N PRO A 401 -4.55 -12.01 -16.03
CA PRO A 401 -5.90 -11.79 -16.55
C PRO A 401 -5.87 -10.97 -17.86
N ASP A 402 -6.96 -11.04 -18.65
CA ASP A 402 -7.05 -10.39 -19.98
C ASP A 402 -6.98 -8.89 -19.81
N GLY A 403 -7.66 -8.35 -18.82
CA GLY A 403 -7.59 -6.90 -18.60
C GLY A 403 -8.16 -6.15 -19.79
N VAL A 404 -8.37 -4.85 -19.63
CA VAL A 404 -9.28 -4.05 -20.47
C VAL A 404 -8.47 -2.98 -21.20
N GLN A 405 -8.71 -2.86 -22.52
CA GLN A 405 -8.11 -1.78 -23.34
C GLN A 405 -8.90 -0.51 -23.06
N VAL A 406 -8.43 0.34 -22.16
CA VAL A 406 -9.18 1.54 -21.68
C VAL A 406 -8.70 2.76 -22.44
N ILE A 407 -7.46 2.76 -22.90
CA ILE A 407 -6.90 3.79 -23.81
C ILE A 407 -6.31 3.02 -24.99
N SER A 408 -6.42 3.58 -26.21
CA SER A 408 -5.95 2.95 -27.47
C SER A 408 -4.44 2.80 -27.39
N PRO A 409 -3.87 1.68 -27.86
CA PRO A 409 -2.42 1.51 -27.86
C PRO A 409 -1.68 2.71 -28.46
N GLU A 410 -2.23 3.30 -29.52
CA GLU A 410 -1.60 4.43 -30.24
C GLU A 410 -1.56 5.66 -29.33
N VAL A 411 -2.70 6.03 -28.75
CA VAL A 411 -2.73 7.17 -27.78
C VAL A 411 -1.77 6.86 -26.62
N ALA A 412 -1.86 5.67 -26.06
CA ALA A 412 -1.03 5.33 -24.89
C ALA A 412 0.42 5.60 -25.33
N SER A 413 0.77 5.09 -26.49
CA SER A 413 2.13 5.21 -27.05
C SER A 413 2.52 6.70 -27.14
N THR A 414 1.67 7.52 -27.74
CA THR A 414 1.93 8.98 -27.87
C THR A 414 2.17 9.54 -26.47
N VAL A 415 1.28 9.26 -25.50
CA VAL A 415 1.38 9.88 -24.16
C VAL A 415 2.64 9.40 -23.44
N GLN A 416 3.00 8.14 -23.60
CA GLN A 416 4.34 7.64 -23.16
C GLN A 416 5.48 8.51 -23.68
N GLY A 417 5.47 8.84 -24.96
CA GLY A 417 6.57 9.62 -25.59
C GLY A 417 6.61 11.01 -24.98
N MET A 418 5.43 11.57 -24.78
CA MET A 418 5.27 12.92 -24.20
C MET A 418 5.85 12.91 -22.80
N LEU A 419 5.52 11.90 -21.99
CA LEU A 419 6.05 11.82 -20.61
C LEU A 419 7.54 11.52 -20.60
N GLN A 420 8.07 10.81 -21.61
CA GLN A 420 9.53 10.59 -21.71
C GLN A 420 10.21 11.97 -21.87
N GLN A 421 9.65 12.79 -22.75
CA GLN A 421 10.01 14.22 -22.96
C GLN A 421 9.95 14.97 -21.63
N VAL A 422 8.88 14.82 -20.86
CA VAL A 422 8.78 15.57 -19.57
C VAL A 422 10.05 15.28 -18.77
N VAL A 423 10.56 14.06 -18.82
CA VAL A 423 11.72 13.62 -18.00
C VAL A 423 13.03 14.10 -18.66
N GLU A 424 13.12 14.02 -19.98
CA GLU A 424 14.40 14.17 -20.72
C GLU A 424 14.59 15.65 -21.10
N ALA A 425 13.71 16.17 -21.94
CA ALA A 425 13.72 17.54 -22.52
C ALA A 425 14.24 18.58 -21.50
N GLN A 426 14.96 19.59 -22.00
CA GLN A 426 15.42 20.78 -21.22
C GLN A 426 14.15 21.57 -20.83
N GLY A 427 14.12 22.08 -19.60
CA GLY A 427 12.88 22.50 -18.90
C GLY A 427 12.26 21.35 -18.11
N GLY A 428 12.54 20.10 -18.49
CA GLY A 428 11.91 18.88 -17.94
C GLY A 428 12.47 18.50 -16.58
N VAL A 429 11.87 17.48 -15.96
CA VAL A 429 12.34 16.91 -14.66
C VAL A 429 13.60 16.07 -14.95
N PHE A 430 14.79 16.68 -14.81
CA PHE A 430 16.09 16.02 -15.07
C PHE A 430 16.42 15.05 -13.93
N ARG A 431 16.05 15.37 -12.68
CA ARG A 431 16.23 14.56 -11.44
C ARG A 431 15.42 13.24 -11.42
N ALA A 432 14.59 12.95 -12.41
CA ALA A 432 13.78 11.70 -12.48
C ALA A 432 14.39 10.78 -13.53
N GLN A 433 15.32 11.29 -14.34
CA GLN A 433 16.06 10.45 -15.30
C GLN A 433 16.66 9.26 -14.54
N VAL A 434 16.61 8.08 -15.15
CA VAL A 434 17.06 6.83 -14.49
C VAL A 434 18.35 6.46 -15.19
N PRO A 435 19.48 6.46 -14.48
CA PRO A 435 20.77 6.24 -15.12
C PRO A 435 20.74 4.80 -15.61
N GLY A 436 20.94 4.63 -16.93
CA GLY A 436 20.84 3.35 -17.64
C GLY A 436 19.72 3.37 -18.64
N TYR A 437 18.54 3.85 -18.23
CA TYR A 437 17.28 3.71 -18.99
C TYR A 437 16.67 5.09 -19.30
N HIS A 438 15.73 5.08 -20.25
CA HIS A 438 14.76 6.16 -20.56
C HIS A 438 13.52 5.93 -19.67
N ALA A 439 13.26 6.89 -18.77
CA ALA A 439 12.06 6.89 -17.92
C ALA A 439 11.07 7.95 -18.41
N ALA A 440 9.81 7.77 -18.03
CA ALA A 440 8.69 8.68 -18.33
C ALA A 440 7.93 8.92 -17.02
N GLY A 441 7.43 10.13 -16.82
CA GLY A 441 6.54 10.39 -15.68
C GLY A 441 6.20 11.86 -15.52
N LYS A 442 5.58 12.22 -14.40
CA LYS A 442 5.08 13.57 -14.14
C LYS A 442 5.16 13.81 -12.65
N SER A 443 5.65 14.99 -12.27
CA SER A 443 5.59 15.45 -10.87
C SER A 443 4.21 16.06 -10.66
N GLY A 444 3.80 16.18 -9.41
CA GLY A 444 2.70 17.06 -9.02
C GLY A 444 2.82 17.47 -7.57
N THR A 445 2.08 18.50 -7.21
CA THR A 445 1.98 19.01 -5.84
C THR A 445 0.55 18.76 -5.41
N ALA A 446 0.36 17.79 -4.51
CA ALA A 446 -0.97 17.32 -4.06
C ALA A 446 -1.49 18.21 -2.95
N ARG A 447 -2.80 18.12 -2.71
CA ARG A 447 -3.54 18.73 -1.56
C ARG A 447 -4.39 17.61 -0.92
N LYS A 448 -4.19 17.27 0.36
CA LYS A 448 -5.04 16.26 1.07
C LYS A 448 -6.48 16.76 1.17
N GLU A 458 -4.74 22.18 6.95
CA GLU A 458 -6.01 22.61 6.30
C GLU A 458 -5.92 22.38 4.79
N ASN A 459 -4.87 22.93 4.19
CA ASN A 459 -4.35 22.54 2.85
C ASN A 459 -3.00 21.85 3.05
N ALA A 460 -3.02 20.57 3.45
CA ALA A 460 -1.84 19.69 3.53
C ALA A 460 -1.31 19.47 2.10
N TYR A 461 0.00 19.53 1.90
CA TYR A 461 0.67 19.45 0.58
C TYR A 461 1.70 18.33 0.59
N ARG A 462 1.55 17.41 -0.37
CA ARG A 462 2.48 16.29 -0.66
C ARG A 462 3.20 16.58 -1.98
N SER A 463 4.43 16.12 -2.08
CA SER A 463 5.18 16.05 -3.34
C SER A 463 4.95 14.66 -3.96
N LEU A 464 4.52 14.61 -5.21
CA LEU A 464 4.17 13.37 -5.96
C LEU A 464 5.14 13.22 -7.12
N PHE A 465 5.51 12.00 -7.42
CA PHE A 465 6.06 11.67 -8.75
C PHE A 465 5.47 10.34 -9.20
N ALA A 466 5.02 10.28 -10.45
CA ALA A 466 4.37 9.08 -10.99
C ALA A 466 4.97 8.87 -12.36
N GLY A 467 5.45 7.66 -12.61
CA GLY A 467 6.04 7.32 -13.90
C GLY A 467 6.30 5.85 -14.07
N PHE A 468 6.93 5.50 -15.19
CA PHE A 468 7.24 4.11 -15.57
C PHE A 468 8.51 4.11 -16.41
N ALA A 469 9.07 2.92 -16.55
CA ALA A 469 10.27 2.70 -17.34
C ALA A 469 10.30 1.23 -17.66
N PRO A 470 11.05 0.80 -18.68
CA PRO A 470 11.67 1.74 -19.64
C PRO A 470 10.64 2.42 -20.55
N ALA A 471 10.87 3.68 -20.91
CA ALA A 471 9.90 4.62 -21.54
C ALA A 471 9.31 4.00 -22.82
N THR A 472 10.16 3.31 -23.57
CA THR A 472 9.87 2.80 -24.93
C THR A 472 9.24 1.41 -24.84
N ASP A 473 9.42 0.70 -23.72
CA ASP A 473 8.91 -0.69 -23.53
C ASP A 473 8.57 -0.92 -22.06
N PRO A 474 7.58 -0.20 -21.47
CA PRO A 474 7.46 -0.16 -20.01
C PRO A 474 7.24 -1.52 -19.32
N ARG A 475 7.78 -1.66 -18.10
CA ARG A 475 7.74 -2.89 -17.27
C ARG A 475 7.19 -2.57 -15.88
N ILE A 476 7.55 -1.42 -15.35
CA ILE A 476 7.37 -1.00 -13.93
C ILE A 476 6.73 0.37 -13.94
N ALA A 477 5.72 0.56 -13.11
CA ALA A 477 5.12 1.88 -12.80
C ALA A 477 5.44 2.15 -11.33
N MET A 478 5.54 3.42 -10.98
CA MET A 478 5.95 3.72 -9.62
C MET A 478 5.32 5.06 -9.25
N VAL A 479 4.83 5.16 -8.04
CA VAL A 479 4.40 6.44 -7.45
C VAL A 479 5.22 6.67 -6.20
N VAL A 480 5.71 7.88 -6.03
CA VAL A 480 6.36 8.37 -4.79
C VAL A 480 5.51 9.49 -4.20
N VAL A 481 5.16 9.38 -2.92
CA VAL A 481 4.44 10.44 -2.15
C VAL A 481 5.30 10.82 -0.95
N ILE A 482 5.60 12.09 -0.75
CA ILE A 482 6.37 12.62 0.39
C ILE A 482 5.50 13.70 1.03
N ASP A 483 5.00 13.50 2.25
CA ASP A 483 4.16 14.50 2.95
C ASP A 483 5.02 15.64 3.49
N GLU A 484 4.58 16.88 3.25
CA GLU A 484 5.10 18.09 3.92
C GLU A 484 6.62 17.98 3.91
N PRO A 485 7.25 18.07 2.72
CA PRO A 485 8.71 18.21 2.62
C PRO A 485 9.15 19.64 2.95
N GLY A 492 8.37 22.09 -5.87
CA GLY A 492 7.98 21.08 -4.85
C GLY A 492 8.27 19.64 -5.28
N GLY A 493 7.52 19.12 -6.26
CA GLY A 493 7.53 17.72 -6.78
C GLY A 493 8.89 17.23 -7.29
N LEU A 494 9.92 18.11 -7.37
CA LEU A 494 11.35 17.73 -7.59
C LEU A 494 11.87 16.96 -6.36
N VAL A 495 11.17 17.05 -5.24
CA VAL A 495 11.44 16.25 -3.99
C VAL A 495 11.23 14.76 -4.30
N SER A 496 10.05 14.40 -4.79
CA SER A 496 9.66 13.01 -5.10
C SER A 496 10.56 12.42 -6.21
N ALA A 497 11.02 13.22 -7.16
CA ALA A 497 11.63 12.74 -8.42
C ALA A 497 12.93 11.95 -8.20
N PRO A 498 13.92 12.45 -7.43
CA PRO A 498 15.17 11.73 -7.22
C PRO A 498 14.93 10.35 -6.62
N VAL A 499 13.91 10.23 -5.78
CA VAL A 499 13.55 8.92 -5.15
C VAL A 499 13.13 7.96 -6.28
N PHE A 500 12.23 8.39 -7.16
CA PHE A 500 11.77 7.63 -8.33
C PHE A 500 13.00 7.16 -9.08
N SER A 501 13.94 8.07 -9.29
CA SER A 501 15.19 7.83 -10.04
C SER A 501 15.93 6.60 -9.49
N LYS A 502 16.29 6.68 -8.21
CA LYS A 502 17.17 5.68 -7.54
C LYS A 502 16.42 4.37 -7.35
N VAL A 503 15.13 4.44 -6.98
CA VAL A 503 14.31 3.22 -6.75
C VAL A 503 14.03 2.53 -8.08
N MET A 504 13.81 3.28 -9.16
CA MET A 504 13.50 2.66 -10.46
C MET A 504 14.78 1.98 -10.95
N ALA A 505 15.91 2.66 -10.88
CA ALA A 505 17.21 2.15 -11.36
C ALA A 505 17.40 0.75 -10.77
N GLY A 506 17.33 0.65 -9.42
CA GLY A 506 17.47 -0.58 -8.64
C GLY A 506 16.46 -1.64 -9.03
N ALA A 507 15.17 -1.29 -9.01
CA ALA A 507 14.05 -2.20 -9.35
C ALA A 507 14.25 -2.83 -10.72
N LEU A 508 14.61 -2.04 -11.75
CA LEU A 508 14.81 -2.56 -13.12
C LEU A 508 16.02 -3.51 -13.16
N ARG A 509 17.09 -3.18 -12.45
CA ARG A 509 18.31 -4.03 -12.45
C ARG A 509 17.93 -5.32 -11.76
N LEU A 510 17.23 -5.23 -10.62
CA LEU A 510 16.89 -6.40 -9.79
C LEU A 510 16.02 -7.33 -10.63
N MET A 511 15.33 -6.79 -11.63
CA MET A 511 14.39 -7.54 -12.49
C MET A 511 15.04 -7.88 -13.82
N ASN A 512 16.34 -7.58 -13.89
CA ASN A 512 17.21 -7.85 -15.06
C ASN A 512 16.55 -7.26 -16.29
N VAL A 513 15.92 -6.10 -16.14
CA VAL A 513 15.38 -5.36 -17.31
C VAL A 513 16.56 -4.80 -18.07
N PRO A 514 16.69 -5.07 -19.39
CA PRO A 514 17.83 -4.63 -20.19
C PRO A 514 17.86 -3.11 -20.34
N PRO A 515 19.00 -2.45 -20.02
CA PRO A 515 19.14 -1.01 -20.27
C PRO A 515 18.71 -0.67 -21.69
N ASP A 516 17.74 0.24 -21.86
CA ASP A 516 17.40 0.96 -23.12
C ASP A 516 18.15 2.31 -23.14
C15 S0Z B . 3.17 22.28 -9.64
C14 S0Z B . 2.98 21.43 -10.72
C13 S0Z B . 3.79 20.21 -11.04
C12 S0Z B . 1.89 21.59 -11.59
C11 S0Z B . 0.96 22.57 -11.27
C16 S0Z B . 2.24 23.27 -9.38
O5 S0Z B . -0.52 25.01 -10.82
C9 S0Z B . 0.06 24.42 -9.90
C10 S0Z B . 1.11 23.42 -10.18
O4 S0Z B . 3.27 19.74 -12.31
B S0Z B . 1.90 20.32 -12.62
N S0Z B . -0.24 24.63 -8.61
C2 S0Z B . -1.22 25.60 -8.12
C S0Z B . -1.79 25.06 -6.81
O1 S0Z B . -0.85 24.59 -5.98
C1 S0Z B . -0.97 24.94 -4.58
O S0Z B . -2.97 24.99 -6.58
C3 S0Z B . -0.60 26.98 -7.98
C8 S0Z B . -1.06 28.04 -8.76
C7 S0Z B . -0.38 29.24 -8.80
C6 S0Z B . 0.76 29.43 -8.03
C5 S0Z B . 1.20 28.41 -7.23
C4 S0Z B . 0.53 27.19 -7.20
#